data_3O5Q
#
_entry.id   3O5Q
#
_cell.length_a   42.396
_cell.length_b   53.514
_cell.length_c   56.381
_cell.angle_alpha   90.000
_cell.angle_beta   90.000
_cell.angle_gamma   90.000
#
_symmetry.space_group_name_H-M   'P 21 21 21'
#
loop_
_entity.id
_entity.type
_entity.pdbx_description
1 polymer 'Peptidyl-prolyl cis-trans isomerase FKBP5'
2 non-polymer 'DIMETHYL SULFOXIDE'
3 water water
#
_entity_poly.entity_id   1
_entity_poly.type   'polypeptide(L)'
_entity_poly.pdbx_seq_one_letter_code
;GAPATVTEQGEDITSKKDRGVLKIVKRVGNGEETPMIGDKVYVHYKGKLSNGKKFDSSHDRNEPFVFSLGKGQVIKAWDI
GVATMKKGEICHLLCKPEYAYGSAGSLPKIPSNATLFFEIELLDFKGE
;
_entity_poly.pdbx_strand_id   A
#
loop_
_chem_comp.id
_chem_comp.type
_chem_comp.name
_chem_comp.formula
DMS non-polymer 'DIMETHYL SULFOXIDE' 'C2 H6 O S'
#
# COMPACT_ATOMS: atom_id res chain seq x y z
N GLY A 1 -11.07 8.40 12.01
CA GLY A 1 -11.27 7.99 10.60
C GLY A 1 -10.45 6.77 10.30
N ALA A 2 -10.45 6.37 9.03
CA ALA A 2 -9.75 5.15 8.64
C ALA A 2 -8.25 5.19 8.97
N PRO A 3 -7.53 6.30 8.73
CA PRO A 3 -6.10 6.30 9.11
C PRO A 3 -5.88 6.04 10.59
N ALA A 4 -6.66 6.67 11.45
CA ALA A 4 -6.53 6.44 12.88
C ALA A 4 -6.84 4.99 13.22
N THR A 5 -7.87 4.44 12.58
CA THR A 5 -8.27 3.09 12.90
C THR A 5 -7.16 2.08 12.54
N VAL A 6 -6.53 2.20 11.35
CA VAL A 6 -5.46 1.24 11.04
C VAL A 6 -4.23 1.50 11.90
N THR A 7 -3.98 2.77 12.30
CA THR A 7 -2.89 3.06 13.21
C THR A 7 -3.07 2.30 14.54
N GLU A 8 -4.30 2.29 15.04
CA GLU A 8 -4.61 1.79 16.38
C GLU A 8 -5.03 0.32 16.40
N GLN A 9 -5.48 -0.22 15.26
CA GLN A 9 -6.12 -1.53 15.20
C GLN A 9 -5.51 -2.40 14.11
N GLY A 10 -4.45 -1.96 13.45
CA GLY A 10 -3.85 -2.73 12.37
C GLY A 10 -2.83 -3.77 12.88
N GLU A 11 -2.53 -4.72 11.99
CA GLU A 11 -1.60 -5.79 12.28
C GLU A 11 -0.26 -5.54 11.62
N ASP A 12 0.82 -5.73 12.36
CA ASP A 12 2.17 -5.57 11.82
C ASP A 12 2.50 -6.72 10.89
N ILE A 13 2.76 -6.38 9.62
CA ILE A 13 3.08 -7.36 8.60
C ILE A 13 4.58 -7.34 8.17
N THR A 14 5.40 -6.61 8.92
CA THR A 14 6.81 -6.55 8.58
C THR A 14 7.58 -7.79 9.06
N SER A 15 8.63 -8.14 8.33
N SER A 15 8.64 -8.15 8.34
CA SER A 15 9.53 -9.20 8.75
CA SER A 15 9.54 -9.20 8.81
C SER A 15 10.32 -8.84 10.02
C SER A 15 10.21 -8.83 10.10
N LYS A 16 10.61 -7.56 10.21
CA LYS A 16 11.32 -7.10 11.40
C LYS A 16 10.45 -6.97 12.63
N LYS A 17 9.12 -6.98 12.45
N LYS A 17 9.13 -6.92 12.45
CA LYS A 17 8.15 -6.68 13.51
CA LYS A 17 8.23 -6.74 13.59
C LYS A 17 8.53 -5.39 14.23
C LYS A 17 8.45 -5.38 14.25
N ASP A 18 8.69 -4.37 13.42
CA ASP A 18 8.99 -3.02 13.90
C ASP A 18 7.82 -2.04 13.76
N ARG A 19 6.63 -2.59 13.49
N ARG A 19 6.62 -2.53 13.50
CA ARG A 19 5.38 -1.88 13.30
CA ARG A 19 5.44 -1.69 13.42
C ARG A 19 5.47 -0.80 12.20
C ARG A 19 5.42 -0.81 12.17
N GLY A 20 6.34 -1.02 11.22
CA GLY A 20 6.50 -0.06 10.15
C GLY A 20 5.42 -0.09 9.09
N VAL A 21 4.71 -1.23 8.99
CA VAL A 21 3.60 -1.38 8.05
C VAL A 21 2.51 -2.16 8.80
N LEU A 22 1.37 -1.48 9.02
CA LEU A 22 0.22 -2.09 9.67
C LEU A 22 -0.89 -2.27 8.63
N LYS A 23 -1.65 -3.36 8.77
CA LYS A 23 -2.65 -3.73 7.77
C LYS A 23 -3.99 -4.06 8.44
N ILE A 24 -5.08 -3.68 7.77
CA ILE A 24 -6.41 -4.22 8.04
C ILE A 24 -6.98 -4.75 6.72
N VAL A 25 -7.53 -5.95 6.73
CA VAL A 25 -8.23 -6.48 5.56
C VAL A 25 -9.65 -5.95 5.60
N LYS A 26 -10.04 -5.20 4.58
CA LYS A 26 -11.36 -4.60 4.47
C LYS A 26 -12.35 -5.50 3.68
N ARG A 27 -11.87 -6.18 2.65
CA ARG A 27 -12.67 -7.17 1.93
C ARG A 27 -11.79 -8.37 1.66
N VAL A 28 -12.25 -9.54 2.09
CA VAL A 28 -11.56 -10.79 1.85
C VAL A 28 -11.60 -11.10 0.36
N GLY A 29 -10.45 -11.48 -0.19
CA GLY A 29 -10.35 -11.82 -1.58
C GLY A 29 -10.59 -13.31 -1.84
N ASN A 30 -10.09 -13.77 -2.98
CA ASN A 30 -10.50 -15.05 -3.54
C ASN A 30 -9.46 -16.12 -3.33
N GLY A 31 -9.88 -17.24 -2.73
CA GLY A 31 -8.98 -18.37 -2.50
C GLY A 31 -7.87 -18.05 -1.53
N GLU A 32 -6.76 -18.77 -1.65
CA GLU A 32 -5.64 -18.67 -0.70
C GLU A 32 -4.38 -18.10 -1.33
N GLU A 33 -4.33 -17.94 -2.65
CA GLU A 33 -3.07 -17.61 -3.29
C GLU A 33 -2.79 -16.11 -3.27
N THR A 34 -1.57 -15.75 -2.86
CA THR A 34 -1.04 -14.41 -2.99
C THR A 34 -0.06 -14.38 -4.17
N PRO A 35 0.25 -13.20 -4.74
CA PRO A 35 1.17 -13.15 -5.88
C PRO A 35 2.57 -13.62 -5.50
N MET A 36 3.37 -13.88 -6.52
CA MET A 36 4.78 -14.20 -6.27
C MET A 36 5.66 -13.11 -6.82
N ILE A 37 6.88 -13.12 -6.29
CA ILE A 37 7.90 -12.19 -6.72
C ILE A 37 8.01 -12.18 -8.23
N GLY A 38 8.04 -11.00 -8.81
CA GLY A 38 8.14 -10.81 -10.24
C GLY A 38 6.83 -10.80 -10.97
N ASP A 39 5.72 -11.13 -10.31
CA ASP A 39 4.42 -11.09 -10.99
C ASP A 39 4.08 -9.65 -11.35
N LYS A 40 3.38 -9.50 -12.48
CA LYS A 40 2.76 -8.24 -12.83
C LYS A 40 1.49 -8.11 -12.02
N VAL A 41 1.44 -7.13 -11.12
N VAL A 41 1.43 -7.06 -11.22
CA VAL A 41 0.27 -6.91 -10.28
CA VAL A 41 0.35 -6.81 -10.31
C VAL A 41 -0.41 -5.59 -10.67
C VAL A 41 -0.41 -5.58 -10.80
N TYR A 42 -1.74 -5.64 -10.66
CA TYR A 42 -2.62 -4.54 -11.01
C TYR A 42 -3.37 -4.15 -9.77
N VAL A 43 -3.26 -2.89 -9.33
CA VAL A 43 -3.97 -2.45 -8.15
C VAL A 43 -4.74 -1.17 -8.41
N HIS A 44 -5.85 -1.00 -7.68
CA HIS A 44 -6.42 0.31 -7.46
C HIS A 44 -5.99 0.80 -6.11
N TYR A 45 -5.83 2.10 -5.93
N TYR A 45 -5.74 2.08 -6.01
CA TYR A 45 -5.45 2.64 -4.63
CA TYR A 45 -5.17 2.64 -4.82
C TYR A 45 -5.80 4.11 -4.46
C TYR A 45 -5.71 4.03 -4.67
N LYS A 46 -5.77 4.51 -3.20
N LYS A 46 -5.80 4.41 -3.41
CA LYS A 46 -5.76 5.92 -2.82
CA LYS A 46 -6.02 5.78 -3.02
C LYS A 46 -4.74 6.08 -1.70
C LYS A 46 -5.47 5.90 -1.61
N GLY A 47 -4.02 7.21 -1.72
N GLY A 47 -5.45 7.10 -1.05
CA GLY A 47 -3.06 7.52 -0.67
CA GLY A 47 -5.02 7.23 0.32
C GLY A 47 -3.37 8.86 -0.04
C GLY A 47 -4.85 8.65 0.76
N LYS A 48 -3.21 8.88 1.28
N LYS A 48 -4.06 8.81 1.82
CA LYS A 48 -3.38 10.09 2.05
CA LYS A 48 -3.82 10.14 2.38
C LYS A 48 -2.23 10.33 2.97
C LYS A 48 -2.49 10.37 3.14
N LEU A 49 -1.97 11.61 3.12
CA LEU A 49 -0.98 12.08 4.06
C LEU A 49 -1.60 12.19 5.45
N SER A 50 -0.76 12.30 6.46
N SER A 50 -0.74 12.30 6.46
CA SER A 50 -1.26 12.46 7.83
CA SER A 50 -1.19 12.52 7.84
C SER A 50 -1.89 13.85 8.12
C SER A 50 -1.96 13.83 8.08
N ASN A 51 -1.81 14.80 7.18
CA ASN A 51 -2.58 16.05 7.28
C ASN A 51 -3.95 15.98 6.61
N GLY A 52 -4.33 14.79 6.13
CA GLY A 52 -5.61 14.58 5.51
C GLY A 52 -5.62 14.76 3.99
N LYS A 53 -4.54 15.27 3.40
CA LYS A 53 -4.50 15.47 1.95
C LYS A 53 -4.47 14.15 1.21
N LYS A 54 -5.31 13.99 0.18
N LYS A 54 -5.37 13.99 0.25
CA LYS A 54 -5.24 12.84 -0.73
CA LYS A 54 -5.22 12.95 -0.76
C LYS A 54 -4.19 13.15 -1.78
C LYS A 54 -3.97 13.38 -1.50
N PHE A 55 -3.06 12.45 -1.76
CA PHE A 55 -1.95 12.78 -2.66
C PHE A 55 -1.96 12.00 -3.96
N ASP A 56 -2.74 10.92 -4.02
N ASP A 56 -2.67 10.87 -4.06
CA ASP A 56 -2.72 10.08 -5.19
CA ASP A 56 -2.91 10.27 -5.39
C ASP A 56 -4.02 9.22 -5.21
C ASP A 56 -3.99 9.20 -5.26
N SER A 57 -4.52 8.85 -6.41
CA SER A 57 -5.65 7.89 -6.59
C SER A 57 -5.72 7.35 -8.00
N SER A 58 -5.59 6.04 -8.13
CA SER A 58 -5.75 5.44 -9.42
C SER A 58 -7.20 5.56 -9.93
N HIS A 59 -8.18 5.56 -9.02
CA HIS A 59 -9.57 5.71 -9.40
C HIS A 59 -9.77 7.03 -10.13
N ASP A 60 -9.18 8.11 -9.62
CA ASP A 60 -9.29 9.41 -10.23
C ASP A 60 -8.58 9.50 -11.58
N ARG A 61 -7.61 8.62 -11.82
N ARG A 61 -7.62 8.61 -11.81
CA ARG A 61 -6.89 8.55 -13.10
CA ARG A 61 -6.87 8.55 -13.06
C ARG A 61 -7.59 7.66 -14.12
C ARG A 61 -7.51 7.60 -14.09
N ASN A 62 -8.54 6.85 -13.67
CA ASN A 62 -9.22 5.88 -14.55
C ASN A 62 -8.28 4.82 -15.11
N GLU A 63 -7.27 4.44 -14.33
CA GLU A 63 -6.36 3.35 -14.72
C GLU A 63 -5.70 2.81 -13.49
N PRO A 64 -5.45 1.51 -13.45
CA PRO A 64 -4.80 0.92 -12.30
C PRO A 64 -3.31 1.25 -12.30
N PHE A 65 -2.67 1.01 -11.16
CA PHE A 65 -1.23 1.07 -11.06
C PHE A 65 -0.72 -0.34 -11.29
N VAL A 66 0.30 -0.49 -12.13
CA VAL A 66 0.82 -1.78 -12.54
C VAL A 66 2.30 -1.81 -12.22
N PHE A 67 2.73 -2.87 -11.54
CA PHE A 67 4.15 -3.01 -11.22
C PHE A 67 4.51 -4.47 -11.07
N SER A 68 5.81 -4.75 -11.04
N SER A 68 5.82 -4.71 -11.03
CA SER A 68 6.30 -6.11 -10.83
CA SER A 68 6.37 -6.05 -10.82
C SER A 68 6.65 -6.28 -9.35
C SER A 68 6.62 -6.23 -9.32
N LEU A 69 5.98 -7.23 -8.72
CA LEU A 69 6.05 -7.38 -7.27
C LEU A 69 7.46 -7.73 -6.79
N GLY A 70 7.89 -7.09 -5.70
CA GLY A 70 9.12 -7.48 -5.02
C GLY A 70 10.41 -7.02 -5.67
N LYS A 71 10.30 -6.02 -6.54
CA LYS A 71 11.43 -5.51 -7.32
C LYS A 71 11.82 -4.09 -6.94
N GLY A 72 11.22 -3.49 -5.90
CA GLY A 72 11.60 -2.13 -5.54
C GLY A 72 11.12 -1.08 -6.52
N GLN A 73 10.09 -1.42 -7.30
CA GLN A 73 9.49 -0.48 -8.23
C GLN A 73 8.49 0.46 -7.55
N VAL A 74 8.16 0.14 -6.31
CA VAL A 74 7.23 0.90 -5.46
C VAL A 74 7.86 0.97 -4.09
N ILE A 75 7.27 1.75 -3.18
CA ILE A 75 7.77 1.82 -1.83
C ILE A 75 7.74 0.44 -1.16
N LYS A 76 8.60 0.28 -0.16
CA LYS A 76 8.75 -1.01 0.49
C LYS A 76 7.39 -1.48 1.06
N ALA A 77 6.61 -0.57 1.62
CA ALA A 77 5.33 -0.98 2.21
C ALA A 77 4.41 -1.63 1.19
N TRP A 78 4.45 -1.19 -0.06
CA TRP A 78 3.61 -1.79 -1.11
C TRP A 78 4.14 -3.14 -1.54
N ASP A 79 5.45 -3.29 -1.67
CA ASP A 79 6.00 -4.61 -1.97
C ASP A 79 5.58 -5.59 -0.87
N ILE A 80 5.74 -5.24 0.39
N ILE A 80 5.77 -5.21 0.39
CA ILE A 80 5.38 -6.12 1.51
CA ILE A 80 5.39 -6.03 1.53
C ILE A 80 3.87 -6.31 1.57
C ILE A 80 3.89 -6.29 1.59
N GLY A 81 3.12 -5.22 1.46
CA GLY A 81 1.69 -5.29 1.64
C GLY A 81 0.94 -6.01 0.54
N VAL A 82 1.25 -5.70 -0.72
CA VAL A 82 0.58 -6.37 -1.82
C VAL A 82 0.92 -7.86 -1.80
N ALA A 83 2.13 -8.22 -1.37
CA ALA A 83 2.52 -9.62 -1.27
C ALA A 83 1.62 -10.43 -0.31
N THR A 84 0.92 -9.75 0.60
CA THR A 84 0.02 -10.44 1.52
C THR A 84 -1.41 -10.58 1.00
N MET A 85 -1.73 -9.98 -0.15
CA MET A 85 -3.11 -9.88 -0.59
C MET A 85 -3.49 -10.99 -1.56
N LYS A 86 -4.77 -11.38 -1.46
N LYS A 86 -4.78 -11.32 -1.50
CA LYS A 86 -5.40 -12.25 -2.46
CA LYS A 86 -5.40 -12.23 -2.45
C LYS A 86 -6.06 -11.42 -3.57
C LYS A 86 -6.11 -11.43 -3.55
N LYS A 87 -6.30 -12.04 -4.71
CA LYS A 87 -7.04 -11.37 -5.78
C LYS A 87 -8.42 -10.97 -5.26
N GLY A 88 -8.82 -9.73 -5.52
CA GLY A 88 -10.11 -9.24 -5.07
C GLY A 88 -10.09 -8.63 -3.67
N GLU A 89 -8.99 -8.79 -2.93
CA GLU A 89 -8.90 -8.24 -1.60
C GLU A 89 -8.83 -6.72 -1.66
N ILE A 90 -9.39 -6.06 -0.65
CA ILE A 90 -9.15 -4.65 -0.37
C ILE A 90 -8.56 -4.56 1.02
N CYS A 91 -7.47 -3.82 1.20
CA CYS A 91 -6.88 -3.62 2.51
C CYS A 91 -6.56 -2.14 2.73
N HIS A 92 -6.31 -1.83 4.00
CA HIS A 92 -5.71 -0.56 4.41
C HIS A 92 -4.30 -0.84 4.91
N LEU A 93 -3.38 0.05 4.54
CA LEU A 93 -1.99 0.00 5.00
C LEU A 93 -1.64 1.35 5.64
N LEU A 94 -0.95 1.27 6.78
CA LEU A 94 -0.42 2.45 7.47
C LEU A 94 1.09 2.28 7.48
N CYS A 95 1.79 3.21 6.81
CA CYS A 95 3.18 3.01 6.42
C CYS A 95 4.06 4.11 7.02
N LYS A 96 4.94 3.72 7.92
CA LYS A 96 5.90 4.67 8.49
C LYS A 96 6.92 5.04 7.39
N PRO A 97 7.59 6.20 7.54
CA PRO A 97 8.43 6.68 6.46
C PRO A 97 9.55 5.74 6.04
N GLU A 98 10.05 4.92 6.96
CA GLU A 98 11.12 3.98 6.65
C GLU A 98 10.67 2.94 5.61
N TYR A 99 9.35 2.78 5.43
CA TYR A 99 8.78 1.86 4.43
C TYR A 99 8.11 2.63 3.32
N ALA A 100 8.39 3.94 3.22
CA ALA A 100 7.77 4.81 2.25
C ALA A 100 8.86 5.71 1.65
N TYR A 101 8.77 7.03 1.83
CA TYR A 101 9.70 7.95 1.18
C TYR A 101 10.75 8.54 2.14
N GLY A 102 10.77 8.09 3.39
CA GLY A 102 11.87 8.38 4.29
C GLY A 102 12.03 9.87 4.55
N SER A 103 13.25 10.25 4.87
CA SER A 103 13.60 11.66 5.07
C SER A 103 13.60 12.45 3.76
N ALA A 104 13.77 11.81 2.63
CA ALA A 104 13.83 12.55 1.37
C ALA A 104 12.47 13.14 1.01
N GLY A 105 11.40 12.38 1.29
CA GLY A 105 10.11 12.75 0.74
C GLY A 105 10.06 12.52 -0.76
N SER A 106 9.04 13.07 -1.41
CA SER A 106 8.90 12.95 -2.84
C SER A 106 8.14 14.14 -3.34
N LEU A 107 8.86 15.08 -3.96
CA LEU A 107 8.25 16.31 -4.42
C LEU A 107 7.44 16.05 -5.67
N PRO A 108 6.34 16.80 -5.84
CA PRO A 108 5.86 17.87 -4.97
C PRO A 108 4.93 17.41 -3.83
N LYS A 109 4.58 16.13 -3.83
CA LYS A 109 3.42 15.64 -3.10
C LYS A 109 3.67 15.27 -1.64
N ILE A 110 4.85 14.76 -1.33
N ILE A 110 4.83 14.65 -1.38
CA ILE A 110 5.00 14.05 -0.08
CA ILE A 110 5.09 13.92 -0.12
C ILE A 110 6.15 14.62 0.71
C ILE A 110 6.16 14.67 0.68
N PRO A 111 5.88 15.11 1.91
CA PRO A 111 6.92 15.77 2.71
C PRO A 111 7.92 14.77 3.26
N SER A 112 9.00 15.32 3.83
CA SER A 112 9.93 14.52 4.58
C SER A 112 9.24 13.83 5.77
N ASN A 113 9.70 12.62 6.10
CA ASN A 113 9.30 11.93 7.33
C ASN A 113 7.78 11.69 7.37
N ALA A 114 7.19 11.36 6.24
CA ALA A 114 5.73 11.26 6.15
C ALA A 114 5.25 9.82 6.41
N THR A 115 4.34 9.68 7.38
CA THR A 115 3.57 8.44 7.53
C THR A 115 2.39 8.52 6.55
N LEU A 116 2.18 7.42 5.80
CA LEU A 116 1.19 7.39 4.74
C LEU A 116 0.11 6.34 4.99
N PHE A 117 -1.12 6.69 4.60
CA PHE A 117 -2.23 5.76 4.58
C PHE A 117 -2.61 5.41 3.16
N PHE A 118 -2.82 4.11 2.90
CA PHE A 118 -3.36 3.68 1.62
C PHE A 118 -4.55 2.75 1.79
N GLU A 119 -5.46 2.85 0.83
N GLU A 119 -5.50 2.85 0.86
CA GLU A 119 -6.44 1.82 0.57
CA GLU A 119 -6.48 1.76 0.59
C GLU A 119 -6.00 1.19 -0.75
C GLU A 119 -6.14 1.15 -0.76
N ILE A 120 -5.88 -0.14 -0.77
CA ILE A 120 -5.40 -0.86 -1.95
C ILE A 120 -6.35 -2.01 -2.26
N GLU A 121 -6.69 -2.15 -3.54
CA GLU A 121 -7.47 -3.29 -4.05
C GLU A 121 -6.55 -4.05 -5.02
N LEU A 122 -6.36 -5.34 -4.80
CA LEU A 122 -5.58 -6.16 -5.73
C LEU A 122 -6.53 -6.68 -6.81
N LEU A 123 -6.40 -6.11 -8.00
CA LEU A 123 -7.28 -6.46 -9.12
C LEU A 123 -6.89 -7.79 -9.78
N ASP A 124 -5.60 -8.00 -9.98
CA ASP A 124 -5.12 -9.15 -10.72
C ASP A 124 -3.63 -9.29 -10.50
N PHE A 125 -3.13 -10.50 -10.71
CA PHE A 125 -1.70 -10.74 -10.72
C PHE A 125 -1.42 -11.83 -11.73
N LYS A 126 -0.31 -11.72 -12.47
CA LYS A 126 0.05 -12.73 -13.45
C LYS A 126 1.54 -12.83 -13.56
N GLY A 127 2.05 -14.04 -13.77
CA GLY A 127 3.45 -14.23 -14.11
C GLY A 127 3.69 -13.79 -15.53
N GLU A 128 4.92 -13.38 -15.84
CA GLU A 128 5.30 -13.02 -17.21
C GLU A 128 6.12 -14.13 -17.86
S DMS B . 2.13 -13.62 2.16
O DMS B . 2.14 -14.67 0.97
C1 DMS B . 2.11 -14.56 3.70
C2 DMS B . 3.80 -12.99 2.24
S DMS C . 3.62 3.48 -4.74
S DMS C . 4.28 4.36 -4.89
O DMS C . 5.37 3.55 -4.53
O DMS C . 5.39 3.09 -4.40
C1 DMS C . 2.74 4.68 -3.73
C1 DMS C . 3.11 3.47 -5.95
C2 DMS C . 3.36 4.25 -6.37
C2 DMS C . 3.27 4.56 -3.43
#